data_7N91
#
_entry.id   7N91
#
_cell.length_a   59.300
_cell.length_b   74.550
_cell.length_c   150.030
_cell.angle_alpha   90.000
_cell.angle_beta   90.000
_cell.angle_gamma   90.000
#
_symmetry.space_group_name_H-M   'P 21 21 21'
#
loop_
_entity.id
_entity.type
_entity.pdbx_description
1 polymer 'Ribosomal protein S6 kinase beta-1'
2 non-polymer 4-{[(1S)-1-(3-fluorophenyl)-2-(methylamino)ethyl]amino}quinazoline-8-carboxamide
#
_entity_poly.entity_id   1
_entity_poly.type   'polypeptide(L)'
_entity_poly.pdbx_seq_one_letter_code
;GPEKIRPECFELLRVLGKGGYGKVFQVRKVTGANTGKIFAMKVLKKAMIVRNAKDTAHTKAERNILEEVKHPFIVDLIYA
FQTGGKLYLILEYLSGGELFMQLEREGIFMEDTACFYLAEISMALGHLHQKGIIYRDLKPENIMLNHQGHVKLTDFGLCK
ESIHDGTVTHTFCGTIEYMAPEILMRSGHNRAVDWWSLGALMYDMLTGAPPFTGENRKKTIDKILKCKLNLPPYLTQEAR
DLLKKLLKRNAASRLGAGPGDAGEVQAHPFFRHINWEELLARKVEPPFKPLLQSEEDVSQFDSKFTRQ(TPO)PVD
(SEP)PDDSTLSESANQVFLGFEYVAPSVLES
;
_entity_poly.pdbx_strand_id   A,B
#
# COMPACT_ATOMS: atom_id res chain seq x y z
N LYS A 4 27.35 0.86 6.85
CA LYS A 4 27.27 -0.54 7.34
C LYS A 4 25.83 -1.02 7.60
N ILE A 5 25.63 -2.33 7.48
CA ILE A 5 24.30 -2.91 7.60
C ILE A 5 24.18 -3.94 8.72
N ARG A 6 23.29 -3.64 9.67
CA ARG A 6 23.01 -4.52 10.79
C ARG A 6 21.51 -4.53 11.03
N PRO A 7 21.01 -5.51 11.80
CA PRO A 7 19.57 -5.66 12.05
C PRO A 7 18.91 -4.37 12.53
N GLU A 8 19.71 -3.53 13.17
CA GLU A 8 19.18 -2.33 13.80
C GLU A 8 18.81 -1.23 12.81
N CYS A 9 19.29 -1.32 11.58
CA CYS A 9 18.94 -0.32 10.59
C CYS A 9 17.44 -0.37 10.28
N PHE A 10 16.79 -1.44 10.72
CA PHE A 10 15.40 -1.69 10.37
C PHE A 10 14.54 -1.88 11.62
N GLU A 11 13.32 -1.34 11.60
CA GLU A 11 12.34 -1.64 12.64
C GLU A 11 11.24 -2.53 12.08
N LEU A 12 10.80 -3.49 12.89
CA LEU A 12 9.82 -4.48 12.45
C LEU A 12 8.41 -3.95 12.50
N LEU A 13 7.69 -4.03 11.38
CA LEU A 13 6.34 -3.53 11.37
C LEU A 13 5.33 -4.67 11.46
N ARG A 14 5.59 -5.75 10.73
CA ARG A 14 4.63 -6.86 10.65
C ARG A 14 5.32 -8.19 10.44
N VAL A 15 4.65 -9.27 10.84
CA VAL A 15 5.03 -10.61 10.39
C VAL A 15 4.31 -10.91 9.08
N LEU A 16 5.06 -11.29 8.04
CA LEU A 16 4.45 -11.60 6.74
C LEU A 16 4.36 -13.08 6.43
N GLY A 17 5.30 -13.87 6.96
CA GLY A 17 5.21 -15.30 6.83
C GLY A 17 6.15 -16.07 7.74
N LYS A 18 5.81 -17.32 8.01
CA LYS A 18 6.59 -18.13 8.94
C LYS A 18 6.97 -19.45 8.27
N GLY A 19 8.27 -19.70 8.16
CA GLY A 19 8.76 -20.94 7.58
C GLY A 19 9.33 -21.82 8.67
N GLY A 20 9.85 -22.99 8.29
CA GLY A 20 10.41 -23.90 9.26
C GLY A 20 11.72 -23.42 9.83
N TYR A 21 12.58 -22.90 8.97
CA TYR A 21 13.86 -22.36 9.42
C TYR A 21 13.84 -20.83 9.55
N GLY A 22 12.66 -20.21 9.56
CA GLY A 22 12.62 -18.76 9.71
C GLY A 22 11.36 -17.99 9.32
N LYS A 23 11.43 -16.66 9.49
CA LYS A 23 10.31 -15.74 9.27
C LYS A 23 10.62 -14.70 8.21
N VAL A 24 9.56 -14.06 7.73
CA VAL A 24 9.71 -12.84 6.97
C VAL A 24 8.96 -11.72 7.68
N PHE A 25 9.68 -10.63 7.93
CA PHE A 25 9.12 -9.43 8.52
C PHE A 25 8.98 -8.35 7.46
N GLN A 26 7.88 -7.59 7.52
CA GLN A 26 7.85 -6.26 6.93
C GLN A 26 8.62 -5.33 7.87
N VAL A 27 9.51 -4.52 7.30
CA VAL A 27 10.33 -3.65 8.11
C VAL A 27 10.44 -2.30 7.45
N ARG A 28 10.85 -1.31 8.22
CA ARG A 28 11.20 -0.01 7.68
C ARG A 28 12.70 0.22 7.87
N LYS A 29 13.34 0.77 6.85
CA LYS A 29 14.71 1.22 7.03
C LYS A 29 14.69 2.54 7.79
N VAL A 30 15.45 2.61 8.88
CA VAL A 30 15.37 3.75 9.79
C VAL A 30 16.43 4.81 9.53
N ASN A 34 17.87 5.71 2.40
CA ASN A 34 16.60 5.09 2.01
C ASN A 34 15.63 5.10 3.18
N THR A 35 15.81 6.06 4.09
CA THR A 35 15.03 6.08 5.31
C THR A 35 13.55 6.16 5.00
N GLY A 36 12.79 5.26 5.61
CA GLY A 36 11.35 5.28 5.45
C GLY A 36 10.88 4.23 4.47
N LYS A 37 11.73 3.91 3.49
CA LYS A 37 11.38 2.88 2.52
C LYS A 37 11.02 1.56 3.23
N ILE A 38 9.94 0.93 2.81
CA ILE A 38 9.59 -0.40 3.30
C ILE A 38 10.32 -1.51 2.52
N PHE A 39 10.60 -2.60 3.20
CA PHE A 39 11.32 -3.75 2.65
C PHE A 39 10.80 -4.99 3.33
N ALA A 40 10.95 -6.14 2.70
CA ALA A 40 10.69 -7.39 3.39
C ALA A 40 12.00 -7.93 3.89
N MET A 41 12.01 -8.40 5.14
CA MET A 41 13.22 -8.96 5.72
C MET A 41 13.05 -10.44 6.05
N LYS A 42 13.70 -11.29 5.26
CA LYS A 42 13.67 -12.73 5.43
C LYS A 42 14.82 -13.18 6.34
N VAL A 43 14.47 -13.94 7.38
CA VAL A 43 15.42 -14.29 8.45
C VAL A 43 15.63 -15.79 8.61
N LEU A 44 16.87 -16.23 8.49
CA LEU A 44 17.17 -17.65 8.59
C LEU A 44 18.06 -17.92 9.80
N LYS A 45 17.69 -18.92 10.59
CA LYS A 45 18.51 -19.36 11.72
C LYS A 45 19.61 -20.29 11.21
N LYS A 46 20.86 -19.85 11.34
CA LYS A 46 22.00 -20.66 10.93
C LYS A 46 21.97 -22.02 11.61
N ALA A 47 21.59 -22.00 12.89
CA ALA A 47 21.64 -23.17 13.75
C ALA A 47 20.90 -24.35 13.14
N MET A 48 19.88 -24.07 12.35
CA MET A 48 19.10 -25.13 11.72
C MET A 48 19.74 -25.55 10.42
N ILE A 49 20.66 -24.73 9.92
CA ILE A 49 21.12 -24.88 8.55
C ILE A 49 22.48 -25.54 8.45
N VAL A 50 23.43 -25.05 9.24
CA VAL A 50 24.84 -25.44 9.14
C VAL A 50 25.09 -26.90 9.48
N ARG A 51 24.08 -27.57 10.04
CA ARG A 51 24.20 -28.97 10.40
C ARG A 51 23.87 -29.89 9.23
N ASN A 52 23.31 -29.33 8.16
CA ASN A 52 22.93 -30.11 7.00
C ASN A 52 23.63 -29.55 5.76
N ALA A 53 24.52 -30.35 5.18
CA ALA A 53 25.30 -29.91 4.05
C ALA A 53 24.39 -29.51 2.90
N LYS A 54 23.46 -30.38 2.54
CA LYS A 54 22.58 -30.15 1.41
C LYS A 54 21.77 -28.87 1.64
N ASP A 55 21.52 -28.57 2.90
CA ASP A 55 20.76 -27.39 3.30
C ASP A 55 21.51 -26.08 3.25
N THR A 56 22.76 -26.08 3.69
CA THR A 56 23.49 -24.84 3.63
C THR A 56 23.68 -24.54 2.16
N ALA A 57 23.72 -25.60 1.36
CA ALA A 57 23.99 -25.46 -0.06
C ALA A 57 22.83 -24.71 -0.69
N HIS A 58 21.62 -25.17 -0.39
CA HIS A 58 20.41 -24.56 -0.92
C HIS A 58 20.30 -23.13 -0.43
N THR A 59 20.83 -22.87 0.76
CA THR A 59 20.74 -21.56 1.38
C THR A 59 21.76 -20.60 0.79
N LYS A 60 22.84 -21.15 0.23
CA LYS A 60 23.82 -20.31 -0.40
C LYS A 60 23.52 -20.17 -1.88
N ALA A 61 22.96 -21.23 -2.45
CA ALA A 61 22.44 -21.16 -3.81
C ALA A 61 21.50 -19.98 -3.90
N GLU A 62 20.62 -19.89 -2.91
CA GLU A 62 19.61 -18.86 -2.88
C GLU A 62 20.25 -17.48 -2.84
N ARG A 63 21.26 -17.31 -2.00
CA ARG A 63 21.91 -16.02 -1.84
C ARG A 63 22.72 -15.64 -3.07
N ASN A 64 23.17 -16.63 -3.84
CA ASN A 64 23.89 -16.34 -5.06
C ASN A 64 22.91 -15.95 -6.17
N ILE A 65 21.85 -16.74 -6.31
CA ILE A 65 20.91 -16.57 -7.42
C ILE A 65 20.27 -15.19 -7.36
N LEU A 66 19.84 -14.83 -6.17
CA LEU A 66 19.17 -13.56 -5.94
C LEU A 66 20.06 -12.37 -6.26
N GLU A 67 21.36 -12.52 -5.98
CA GLU A 67 22.34 -11.50 -6.35
C GLU A 67 22.57 -11.50 -7.83
N GLU A 68 22.67 -12.68 -8.44
CA GLU A 68 23.07 -12.76 -9.84
C GLU A 68 21.95 -12.36 -10.80
N VAL A 69 20.79 -12.99 -10.63
CA VAL A 69 19.63 -12.70 -11.46
C VAL A 69 19.04 -11.32 -11.21
N LYS A 70 18.80 -10.60 -12.29
CA LYS A 70 17.98 -9.40 -12.25
C LYS A 70 16.99 -9.48 -13.40
N HIS A 71 15.71 -9.54 -13.04
CA HIS A 71 14.66 -9.85 -14.00
C HIS A 71 13.36 -9.28 -13.47
N PRO A 72 12.55 -8.66 -14.35
CA PRO A 72 11.32 -8.08 -13.81
C PRO A 72 10.45 -9.03 -13.00
N PHE A 73 10.50 -10.33 -13.30
CA PHE A 73 9.60 -11.30 -12.65
C PHE A 73 10.28 -12.23 -11.64
N ILE A 74 11.47 -11.85 -11.19
CA ILE A 74 12.06 -12.45 -10.00
C ILE A 74 12.29 -11.35 -8.95
N VAL A 75 12.14 -11.71 -7.67
CA VAL A 75 12.24 -10.76 -6.57
C VAL A 75 13.67 -10.31 -6.31
N ASP A 76 13.85 -9.02 -6.02
CA ASP A 76 15.19 -8.47 -5.93
C ASP A 76 15.78 -8.52 -4.55
N LEU A 77 17.08 -8.77 -4.51
CA LEU A 77 17.84 -8.72 -3.28
C LEU A 77 18.43 -7.33 -3.13
N ILE A 78 18.05 -6.65 -2.06
CA ILE A 78 18.60 -5.32 -1.79
C ILE A 78 19.84 -5.45 -0.89
N TYR A 79 19.61 -5.71 0.39
CA TYR A 79 20.71 -6.00 1.30
C TYR A 79 20.69 -7.46 1.72
N ALA A 80 21.85 -7.94 2.16
CA ALA A 80 21.98 -9.26 2.77
C ALA A 80 23.02 -9.11 3.86
N PHE A 81 22.86 -9.84 4.95
CA PHE A 81 23.78 -9.72 6.07
C PHE A 81 23.51 -10.74 7.16
N GLN A 82 24.49 -10.92 8.05
CA GLN A 82 24.42 -11.95 9.08
C GLN A 82 24.82 -11.45 10.46
N THR A 83 24.35 -12.15 11.47
CA THR A 83 24.90 -12.03 12.82
C THR A 83 25.42 -13.39 13.26
N GLY A 84 25.64 -13.53 14.55
CA GLY A 84 26.14 -14.79 15.05
C GLY A 84 25.32 -15.94 14.48
N GLY A 85 24.04 -15.93 14.77
CA GLY A 85 23.23 -17.11 14.55
C GLY A 85 22.22 -16.96 13.43
N LYS A 86 22.03 -15.74 12.96
CA LYS A 86 21.02 -15.47 11.94
C LYS A 86 21.66 -15.06 10.62
N LEU A 87 20.96 -15.33 9.52
CA LEU A 87 21.23 -14.66 8.24
C LEU A 87 20.06 -13.76 7.89
N TYR A 88 20.36 -12.68 7.18
CA TYR A 88 19.36 -11.67 6.87
C TYR A 88 19.33 -11.33 5.38
N LEU A 89 18.18 -11.55 4.74
CA LEU A 89 17.97 -11.06 3.40
C LEU A 89 16.96 -9.93 3.38
N ILE A 90 17.31 -8.83 2.71
CA ILE A 90 16.41 -7.72 2.53
C ILE A 90 15.94 -7.65 1.09
N LEU A 91 14.66 -7.92 0.90
CA LEU A 91 14.06 -7.99 -0.42
C LEU A 91 13.15 -6.77 -0.65
N GLU A 92 12.85 -6.46 -1.90
CA GLU A 92 11.82 -5.48 -2.21
C GLU A 92 10.51 -6.00 -1.62
N TYR A 93 9.64 -5.13 -1.14
CA TYR A 93 8.43 -5.64 -0.50
C TYR A 93 7.27 -5.78 -1.51
N LEU A 94 6.73 -6.98 -1.59
CA LEU A 94 5.81 -7.34 -2.67
C LEU A 94 4.35 -7.27 -2.19
N SER A 95 3.83 -6.05 -2.12
CA SER A 95 2.57 -5.76 -1.46
C SER A 95 1.37 -6.33 -2.21
N GLY A 96 1.63 -7.12 -3.24
CA GLY A 96 0.55 -7.79 -3.93
C GLY A 96 0.28 -9.12 -3.29
N GLY A 97 1.19 -9.58 -2.42
CA GLY A 97 0.99 -10.82 -1.70
C GLY A 97 1.24 -12.04 -2.56
N GLU A 98 0.82 -13.21 -2.08
CA GLU A 98 1.03 -14.45 -2.84
C GLU A 98 -0.07 -14.67 -3.88
N LEU A 99 0.28 -15.27 -5.01
CA LEU A 99 -0.72 -15.63 -6.02
C LEU A 99 -1.74 -16.62 -5.43
N PHE A 100 -1.37 -17.30 -4.33
CA PHE A 100 -2.30 -18.20 -3.64
C PHE A 100 -3.52 -17.39 -3.21
N MET A 101 -3.26 -16.31 -2.48
CA MET A 101 -4.28 -15.42 -1.95
C MET A 101 -5.03 -14.68 -3.05
N GLN A 102 -4.43 -14.56 -4.22
CA GLN A 102 -5.12 -13.94 -5.35
C GLN A 102 -6.19 -14.89 -5.88
N LEU A 103 -5.88 -16.19 -5.89
CA LEU A 103 -6.82 -17.23 -6.26
C LEU A 103 -7.98 -17.32 -5.28
N GLU A 104 -7.66 -17.26 -3.99
CA GLU A 104 -8.68 -17.25 -2.92
C GLU A 104 -9.59 -16.04 -3.09
N ARG A 105 -8.97 -14.92 -3.38
CA ARG A 105 -9.64 -13.64 -3.43
C ARG A 105 -10.71 -13.60 -4.53
N GLU A 106 -10.33 -14.05 -5.73
CA GLU A 106 -11.17 -13.88 -6.91
C GLU A 106 -11.75 -15.20 -7.41
N GLY A 107 -11.43 -16.30 -6.74
CA GLY A 107 -11.90 -17.61 -7.20
C GLY A 107 -11.24 -18.04 -8.50
N ILE A 108 -11.63 -19.19 -9.03
CA ILE A 108 -11.19 -19.64 -10.36
C ILE A 108 -10.95 -18.49 -11.37
N PHE A 109 -9.79 -18.48 -12.02
CA PHE A 109 -9.47 -17.43 -12.99
C PHE A 109 -10.12 -17.72 -14.33
N MET A 110 -10.55 -16.66 -15.01
CA MET A 110 -10.95 -16.76 -16.40
C MET A 110 -9.73 -17.00 -17.27
N GLU A 111 -9.95 -17.50 -18.49
CA GLU A 111 -8.87 -17.92 -19.36
C GLU A 111 -7.84 -16.80 -19.58
N ASP A 112 -8.29 -15.64 -20.01
CA ASP A 112 -7.39 -14.53 -20.30
C ASP A 112 -6.64 -14.07 -19.06
N THR A 113 -7.24 -14.30 -17.89
CA THR A 113 -6.60 -13.94 -16.63
C THR A 113 -5.47 -14.94 -16.32
N ALA A 114 -5.84 -16.21 -16.23
CA ALA A 114 -4.88 -17.30 -16.17
C ALA A 114 -3.75 -17.08 -17.18
N CYS A 115 -4.10 -16.73 -18.42
CA CYS A 115 -3.09 -16.59 -19.45
C CYS A 115 -1.98 -15.60 -19.09
N PHE A 116 -2.37 -14.38 -18.73
CA PHE A 116 -1.42 -13.34 -18.31
C PHE A 116 -0.37 -13.81 -17.32
N TYR A 117 -0.82 -14.44 -16.23
CA TYR A 117 0.10 -14.84 -15.17
C TYR A 117 1.04 -15.94 -15.67
N LEU A 118 0.48 -16.90 -16.39
CA LEU A 118 1.27 -17.97 -16.94
C LEU A 118 2.34 -17.41 -17.90
N ALA A 119 1.96 -16.41 -18.70
CA ALA A 119 2.87 -15.82 -19.67
C ALA A 119 4.07 -15.23 -18.96
N GLU A 120 3.82 -14.42 -17.92
CA GLU A 120 4.91 -13.80 -17.16
C GLU A 120 5.75 -14.88 -16.51
N ILE A 121 5.10 -15.78 -15.81
CA ILE A 121 5.80 -16.91 -15.24
C ILE A 121 6.66 -17.65 -16.26
N SER A 122 6.20 -17.75 -17.51
CA SER A 122 6.95 -18.50 -18.54
C SER A 122 8.24 -17.81 -18.98
N MET A 123 8.24 -16.48 -18.94
CA MET A 123 9.44 -15.73 -19.26
C MET A 123 10.37 -15.93 -18.11
N ALA A 124 9.82 -16.04 -16.91
CA ALA A 124 10.65 -16.12 -15.72
C ALA A 124 11.43 -17.42 -15.79
N LEU A 125 10.70 -18.51 -16.00
CA LEU A 125 11.31 -19.81 -16.14
C LEU A 125 12.34 -19.81 -17.26
N GLY A 126 12.00 -19.18 -18.38
CA GLY A 126 12.90 -19.11 -19.52
C GLY A 126 14.20 -18.39 -19.24
N HIS A 127 14.12 -17.29 -18.49
CA HIS A 127 15.34 -16.62 -18.09
C HIS A 127 16.18 -17.57 -17.23
N LEU A 128 15.52 -18.21 -16.27
CA LEU A 128 16.20 -19.03 -15.27
C LEU A 128 16.95 -20.15 -15.95
N HIS A 129 16.29 -20.74 -16.93
CA HIS A 129 16.87 -21.91 -17.56
C HIS A 129 18.15 -21.53 -18.24
N GLN A 130 18.11 -20.43 -18.99
CA GLN A 130 19.31 -19.94 -19.67
C GLN A 130 20.46 -19.81 -18.69
N LYS A 131 20.14 -19.56 -17.43
CA LYS A 131 21.17 -19.44 -16.39
C LYS A 131 21.40 -20.77 -15.68
N GLY A 132 20.80 -21.84 -16.17
CA GLY A 132 21.01 -23.13 -15.56
C GLY A 132 20.28 -23.29 -14.25
N ILE A 133 19.21 -22.50 -14.04
CA ILE A 133 18.45 -22.55 -12.79
C ILE A 133 17.08 -23.21 -12.96
N ILE A 134 16.76 -24.19 -12.09
CA ILE A 134 15.46 -24.89 -12.15
C ILE A 134 14.58 -24.55 -10.95
N TYR A 135 13.34 -24.11 -11.18
CA TYR A 135 12.54 -23.59 -10.07
C TYR A 135 11.85 -24.70 -9.30
N ARG A 136 11.78 -25.89 -9.90
CA ARG A 136 11.28 -27.14 -9.28
C ARG A 136 9.79 -27.13 -9.00
N ASP A 137 9.32 -26.14 -8.26
CA ASP A 137 7.99 -26.18 -7.69
C ASP A 137 7.28 -24.89 -7.99
N LEU A 138 6.09 -24.98 -8.56
CA LEU A 138 5.40 -23.77 -8.95
C LEU A 138 4.05 -23.61 -8.27
N LYS A 139 3.94 -24.09 -7.02
CA LYS A 139 2.70 -23.90 -6.28
C LYS A 139 2.43 -22.41 -6.01
N PRO A 140 1.17 -22.00 -6.04
CA PRO A 140 0.84 -20.58 -6.05
C PRO A 140 1.38 -19.73 -4.91
N GLU A 141 1.81 -20.36 -3.83
CA GLU A 141 2.37 -19.60 -2.71
C GLU A 141 3.84 -19.30 -2.97
N ASN A 142 4.41 -19.98 -3.95
CA ASN A 142 5.77 -19.71 -4.35
C ASN A 142 5.84 -18.71 -5.47
N ILE A 143 4.76 -17.95 -5.59
CA ILE A 143 4.71 -16.84 -6.54
C ILE A 143 4.06 -15.65 -5.85
N MET A 144 4.61 -14.46 -6.06
CA MET A 144 3.95 -13.26 -5.56
C MET A 144 3.71 -12.20 -6.61
N LEU A 145 3.06 -11.12 -6.22
CA LEU A 145 2.76 -10.03 -7.15
C LEU A 145 3.31 -8.75 -6.56
N ASN A 146 4.06 -7.99 -7.34
CA ASN A 146 4.59 -6.72 -6.85
C ASN A 146 3.44 -5.74 -6.61
N HIS A 147 3.76 -4.48 -6.35
CA HIS A 147 2.71 -3.53 -6.00
C HIS A 147 1.87 -3.08 -7.22
N GLN A 148 2.31 -3.46 -8.41
CA GLN A 148 1.60 -3.09 -9.63
C GLN A 148 0.87 -4.27 -10.21
N GLY A 149 1.02 -5.42 -9.55
CA GLY A 149 0.22 -6.59 -9.89
C GLY A 149 0.89 -7.58 -10.81
N HIS A 150 2.19 -7.45 -11.00
CA HIS A 150 2.92 -8.35 -11.87
C HIS A 150 3.61 -9.45 -11.07
N VAL A 151 3.99 -10.54 -11.73
CA VAL A 151 4.46 -11.71 -10.99
C VAL A 151 5.92 -11.59 -10.54
N LYS A 152 6.26 -12.27 -9.44
CA LYS A 152 7.64 -12.35 -9.01
C LYS A 152 7.93 -13.73 -8.45
N LEU A 153 8.83 -14.46 -9.08
CA LEU A 153 9.23 -15.72 -8.51
C LEU A 153 10.01 -15.33 -7.29
N THR A 154 9.85 -16.07 -6.19
CA THR A 154 10.39 -15.59 -4.92
C THR A 154 11.07 -16.67 -4.10
N ASP A 155 11.13 -17.89 -4.61
CA ASP A 155 11.55 -19.01 -3.78
C ASP A 155 12.69 -19.84 -4.33
N PHE A 156 13.91 -19.48 -3.92
CA PHE A 156 15.08 -20.24 -4.34
C PHE A 156 15.86 -20.80 -3.14
N GLY A 157 15.21 -20.83 -1.98
CA GLY A 157 15.86 -21.31 -0.78
C GLY A 157 15.28 -22.66 -0.39
N LEU A 158 15.47 -23.05 0.86
CA LEU A 158 15.00 -24.36 1.32
C LEU A 158 13.73 -24.21 2.13
N GLY A 174 6.51 -28.72 2.28
CA GLY A 174 5.23 -28.07 2.02
C GLY A 174 4.21 -29.01 1.40
N THR A 175 3.38 -28.47 0.51
CA THR A 175 2.52 -29.29 -0.35
C THR A 175 3.37 -29.76 -1.54
N ILE A 176 2.98 -30.86 -2.17
CA ILE A 176 3.71 -31.42 -3.31
C ILE A 176 2.94 -31.44 -4.65
N GLU A 177 1.63 -31.22 -4.58
CA GLU A 177 0.77 -31.45 -5.73
C GLU A 177 1.27 -30.84 -7.04
N TYR A 178 2.12 -29.83 -6.99
CA TYR A 178 2.50 -29.15 -8.23
C TYR A 178 3.85 -29.63 -8.77
N MET A 179 4.57 -30.38 -7.94
CA MET A 179 5.83 -31.01 -8.34
C MET A 179 5.66 -32.18 -9.29
N ALA A 180 6.64 -32.41 -10.15
CA ALA A 180 6.51 -33.41 -11.18
C ALA A 180 6.94 -34.79 -10.70
N PRO A 181 6.60 -35.83 -11.48
CA PRO A 181 6.88 -37.18 -10.97
C PRO A 181 8.35 -37.43 -10.66
N GLU A 182 9.23 -37.19 -11.62
CA GLU A 182 10.64 -37.52 -11.47
C GLU A 182 11.24 -36.83 -10.26
N ILE A 183 10.76 -35.63 -9.97
CA ILE A 183 11.15 -34.88 -8.77
C ILE A 183 10.74 -35.64 -7.51
N LEU A 184 9.49 -36.07 -7.45
CA LEU A 184 8.99 -36.74 -6.26
C LEU A 184 9.69 -38.07 -6.04
N MET A 185 9.86 -38.84 -7.12
CA MET A 185 10.51 -40.15 -7.02
C MET A 185 12.03 -40.01 -7.04
N ARG A 186 12.50 -38.78 -7.02
CA ARG A 186 13.92 -38.50 -6.94
C ARG A 186 14.72 -39.34 -7.91
N SER A 187 14.16 -39.57 -9.09
CA SER A 187 14.81 -40.41 -10.10
C SER A 187 15.74 -39.66 -11.05
N GLY A 188 15.95 -38.37 -10.84
CA GLY A 188 16.77 -37.60 -11.76
C GLY A 188 15.90 -36.85 -12.74
N HIS A 189 16.21 -35.58 -12.95
CA HIS A 189 15.34 -34.69 -13.72
C HIS A 189 16.11 -33.61 -14.50
N ASN A 190 15.37 -32.69 -15.11
CA ASN A 190 15.96 -31.50 -15.72
C ASN A 190 14.93 -30.39 -15.73
N ARG A 191 15.16 -29.38 -16.56
CA ARG A 191 14.38 -28.16 -16.50
C ARG A 191 12.93 -28.43 -16.84
N ALA A 192 12.66 -29.53 -17.53
CA ALA A 192 11.28 -29.83 -17.93
C ALA A 192 10.34 -30.03 -16.74
N VAL A 193 10.85 -30.20 -15.53
CA VAL A 193 9.94 -30.40 -14.39
C VAL A 193 9.23 -29.09 -14.17
N ASP A 194 9.87 -28.01 -14.63
CA ASP A 194 9.30 -26.69 -14.54
C ASP A 194 8.09 -26.60 -15.43
N TRP A 195 8.12 -27.26 -16.57
CA TRP A 195 7.02 -27.14 -17.52
C TRP A 195 5.79 -28.02 -17.16
N TRP A 196 6.06 -29.18 -16.55
CA TRP A 196 5.02 -29.92 -15.80
C TRP A 196 4.40 -29.07 -14.68
N SER A 197 5.24 -28.40 -13.89
CA SER A 197 4.75 -27.66 -12.74
C SER A 197 3.89 -26.48 -13.17
N LEU A 198 4.16 -25.98 -14.37
CA LEU A 198 3.38 -24.89 -14.91
C LEU A 198 1.98 -25.34 -15.33
N GLY A 199 1.88 -26.52 -15.92
CA GLY A 199 0.60 -27.03 -16.33
C GLY A 199 -0.27 -27.42 -15.16
N ALA A 200 0.36 -27.72 -14.03
CA ALA A 200 -0.40 -27.99 -12.82
C ALA A 200 -0.90 -26.66 -12.24
N LEU A 201 -0.05 -25.64 -12.25
CA LEU A 201 -0.48 -24.30 -11.87
C LEU A 201 -1.66 -23.86 -12.73
N MET A 202 -1.59 -24.13 -14.03
CA MET A 202 -2.57 -23.61 -14.98
C MET A 202 -3.88 -24.31 -14.73
N TYR A 203 -3.77 -25.57 -14.35
CA TYR A 203 -4.93 -26.38 -14.08
C TYR A 203 -5.59 -25.72 -12.90
N ASP A 204 -4.83 -25.59 -11.82
CA ASP A 204 -5.35 -25.03 -10.58
C ASP A 204 -6.02 -23.66 -10.75
N MET A 205 -5.53 -22.87 -11.70
CA MET A 205 -6.09 -21.54 -11.91
C MET A 205 -7.41 -21.70 -12.64
N LEU A 206 -7.48 -22.67 -13.54
CA LEU A 206 -8.66 -22.79 -14.39
C LEU A 206 -9.77 -23.63 -13.75
N THR A 207 -9.41 -24.54 -12.86
CA THR A 207 -10.38 -25.45 -12.28
C THR A 207 -10.61 -25.19 -10.80
N GLY A 208 -9.62 -24.56 -10.17
CA GLY A 208 -9.71 -24.35 -8.75
C GLY A 208 -9.07 -25.43 -7.90
N ALA A 209 -8.63 -26.52 -8.53
CA ALA A 209 -7.88 -27.57 -7.84
C ALA A 209 -6.68 -27.98 -8.65
N PRO A 210 -5.63 -28.49 -7.98
CA PRO A 210 -4.49 -29.11 -8.67
C PRO A 210 -4.86 -30.46 -9.24
N PRO A 211 -4.28 -30.82 -10.39
CA PRO A 211 -4.81 -31.90 -11.24
C PRO A 211 -4.85 -33.27 -10.59
N PHE A 212 -3.89 -33.56 -9.71
CA PHE A 212 -3.88 -34.83 -8.99
C PHE A 212 -3.82 -34.60 -7.47
N THR A 213 -4.97 -34.69 -6.81
CA THR A 213 -5.03 -34.53 -5.37
C THR A 213 -5.42 -35.83 -4.70
N GLY A 214 -4.80 -36.13 -3.56
CA GLY A 214 -5.15 -37.33 -2.83
C GLY A 214 -5.72 -37.02 -1.47
N GLU A 215 -6.60 -37.88 -1.00
CA GLU A 215 -7.18 -37.72 0.33
C GLU A 215 -6.07 -37.43 1.33
N ASN A 216 -4.89 -38.00 1.09
CA ASN A 216 -3.68 -37.59 1.81
C ASN A 216 -2.43 -37.73 0.96
N ARG A 217 -1.28 -37.67 1.63
CA ARG A 217 0.01 -37.59 0.96
C ARG A 217 0.25 -38.69 -0.06
N LYS A 218 0.33 -39.94 0.40
CA LYS A 218 0.60 -41.07 -0.48
C LYS A 218 -0.44 -41.21 -1.58
N LYS A 219 -1.72 -41.14 -1.21
CA LYS A 219 -2.78 -41.17 -2.20
C LYS A 219 -2.39 -40.22 -3.34
N THR A 220 -1.93 -39.03 -2.97
CA THR A 220 -1.66 -37.99 -3.95
C THR A 220 -0.46 -38.30 -4.86
N ILE A 221 0.65 -38.72 -4.27
CA ILE A 221 1.82 -39.11 -5.06
C ILE A 221 1.49 -40.27 -6.01
N ASP A 222 0.76 -41.25 -5.50
CA ASP A 222 0.39 -42.38 -6.34
C ASP A 222 -0.56 -41.94 -7.43
N LYS A 223 -1.29 -40.87 -7.15
CA LYS A 223 -2.26 -40.37 -8.12
C LYS A 223 -1.49 -39.59 -9.19
N ILE A 224 -0.44 -38.92 -8.77
CA ILE A 224 0.38 -38.15 -9.71
C ILE A 224 1.11 -39.09 -10.65
N LEU A 225 1.53 -40.24 -10.13
CA LEU A 225 2.25 -41.23 -10.91
C LEU A 225 1.35 -41.89 -11.94
N LYS A 226 0.23 -42.46 -11.50
CA LYS A 226 -0.76 -43.02 -12.40
C LYS A 226 -1.20 -41.97 -13.44
N CYS A 227 -1.14 -40.70 -13.06
CA CYS A 227 -1.14 -39.60 -14.02
C CYS A 227 -2.27 -39.68 -15.05
N LYS A 228 -3.51 -39.75 -14.57
CA LYS A 228 -4.66 -39.80 -15.47
C LYS A 228 -5.41 -38.49 -15.50
N LEU A 229 -5.14 -37.66 -16.49
CA LEU A 229 -5.61 -36.28 -16.45
C LEU A 229 -7.12 -36.17 -16.69
N ASN A 230 -7.82 -35.48 -15.80
CA ASN A 230 -9.24 -35.22 -16.00
C ASN A 230 -9.45 -33.79 -16.41
N LEU A 231 -9.85 -33.57 -17.66
CA LEU A 231 -10.10 -32.23 -18.16
C LEU A 231 -11.55 -31.83 -18.04
N PRO A 232 -11.84 -30.76 -17.28
CA PRO A 232 -13.23 -30.25 -17.23
C PRO A 232 -13.78 -29.82 -18.59
N PRO A 233 -15.10 -29.95 -18.77
CA PRO A 233 -15.82 -29.72 -20.04
C PRO A 233 -15.82 -28.26 -20.53
N TYR A 234 -15.61 -27.32 -19.61
CA TYR A 234 -15.68 -25.90 -19.92
C TYR A 234 -14.36 -25.29 -20.36
N LEU A 235 -13.30 -26.08 -20.38
CA LEU A 235 -11.99 -25.62 -20.86
C LEU A 235 -12.01 -25.46 -22.38
N THR A 236 -11.47 -24.34 -22.89
CA THR A 236 -11.36 -24.16 -24.34
C THR A 236 -10.56 -25.28 -24.95
N GLN A 237 -10.48 -25.31 -26.27
CA GLN A 237 -9.71 -26.35 -26.93
C GLN A 237 -8.22 -26.11 -26.77
N GLU A 238 -7.83 -24.83 -26.84
CA GLU A 238 -6.44 -24.43 -26.67
C GLU A 238 -5.99 -24.68 -25.23
N ALA A 239 -6.84 -24.33 -24.27
CA ALA A 239 -6.53 -24.61 -22.88
C ALA A 239 -6.30 -26.10 -22.67
N ARG A 240 -7.20 -26.94 -23.19
CA ARG A 240 -7.06 -28.38 -23.00
C ARG A 240 -5.78 -28.87 -23.66
N ASP A 241 -5.58 -28.49 -24.91
CA ASP A 241 -4.44 -28.96 -25.68
C ASP A 241 -3.17 -28.67 -24.91
N LEU A 242 -3.00 -27.42 -24.50
CA LEU A 242 -1.78 -27.03 -23.83
C LEU A 242 -1.62 -27.91 -22.59
N LEU A 243 -2.70 -28.02 -21.81
CA LEU A 243 -2.65 -28.72 -20.53
C LEU A 243 -2.22 -30.16 -20.75
N LYS A 244 -2.69 -30.72 -21.85
CA LYS A 244 -2.33 -32.09 -22.22
C LYS A 244 -0.84 -32.24 -22.48
N LYS A 245 -0.28 -31.29 -23.23
CA LYS A 245 1.12 -31.33 -23.62
C LYS A 245 2.09 -31.03 -22.49
N LEU A 246 1.61 -30.42 -21.41
CA LEU A 246 2.49 -30.09 -20.32
C LEU A 246 2.46 -31.21 -19.32
N LEU A 247 1.25 -31.63 -18.98
CA LEU A 247 1.10 -32.64 -17.95
C LEU A 247 1.27 -34.01 -18.57
N LYS A 248 2.46 -34.25 -19.08
CA LYS A 248 2.84 -35.57 -19.56
C LYS A 248 3.84 -36.21 -18.61
N ARG A 249 3.68 -37.51 -18.41
CA ARG A 249 4.51 -38.23 -17.45
C ARG A 249 5.94 -38.21 -17.95
N ASN A 250 6.13 -38.55 -19.22
CA ASN A 250 7.46 -38.65 -19.81
C ASN A 250 8.08 -37.28 -20.04
N ALA A 251 9.05 -36.92 -19.21
CA ALA A 251 9.44 -35.52 -19.14
C ALA A 251 9.96 -35.06 -20.49
N ALA A 252 10.29 -36.02 -21.34
CA ALA A 252 10.90 -35.68 -22.62
C ALA A 252 9.82 -35.16 -23.54
N SER A 253 8.58 -35.60 -23.30
CA SER A 253 7.50 -35.40 -24.24
C SER A 253 6.79 -34.09 -23.99
N ARG A 254 6.98 -33.51 -22.81
CA ARG A 254 6.31 -32.27 -22.47
C ARG A 254 6.68 -31.15 -23.43
N LEU A 255 5.71 -30.30 -23.73
CA LEU A 255 5.97 -29.08 -24.45
C LEU A 255 6.93 -28.26 -23.60
N GLY A 256 7.99 -27.73 -24.20
CA GLY A 256 8.98 -26.99 -23.43
C GLY A 256 10.19 -27.83 -23.04
N ALA A 257 10.12 -29.13 -23.32
CA ALA A 257 11.23 -30.03 -23.02
C ALA A 257 12.32 -29.80 -24.05
N GLY A 258 11.90 -29.42 -25.24
CA GLY A 258 12.80 -29.31 -26.38
C GLY A 258 13.81 -28.20 -26.24
N PRO A 259 14.64 -28.01 -27.26
CA PRO A 259 15.72 -27.02 -27.12
C PRO A 259 15.13 -25.63 -27.06
N GLY A 260 13.87 -25.54 -27.44
CA GLY A 260 13.21 -24.25 -27.44
C GLY A 260 12.92 -23.74 -26.04
N ASP A 261 12.64 -24.67 -25.14
CA ASP A 261 12.31 -24.33 -23.76
C ASP A 261 11.14 -23.35 -23.81
N ALA A 262 11.29 -22.23 -23.13
CA ALA A 262 10.17 -21.33 -22.89
C ALA A 262 9.52 -20.91 -24.21
N GLY A 263 10.32 -20.62 -25.24
CA GLY A 263 9.77 -20.12 -26.49
C GLY A 263 8.90 -21.13 -27.21
N GLU A 264 9.14 -22.40 -26.85
CA GLU A 264 8.33 -23.52 -27.30
C GLU A 264 6.92 -23.40 -26.73
N VAL A 265 6.82 -23.27 -25.40
CA VAL A 265 5.54 -23.14 -24.73
C VAL A 265 4.78 -21.89 -25.13
N GLN A 266 5.49 -20.76 -25.19
CA GLN A 266 4.88 -19.47 -25.48
C GLN A 266 4.31 -19.42 -26.89
N ALA A 267 4.79 -20.31 -27.74
CA ALA A 267 4.41 -20.32 -29.15
C ALA A 267 3.06 -20.98 -29.33
N HIS A 268 2.70 -21.82 -28.37
CA HIS A 268 1.44 -22.55 -28.42
C HIS A 268 0.34 -21.53 -28.60
N PRO A 269 -0.79 -21.94 -29.21
CA PRO A 269 -1.90 -21.04 -29.51
C PRO A 269 -2.58 -20.41 -28.30
N PHE A 270 -2.66 -21.12 -27.19
CA PHE A 270 -3.32 -20.56 -26.01
C PHE A 270 -2.78 -19.17 -25.67
N PHE A 271 -1.54 -18.91 -26.10
CA PHE A 271 -0.88 -17.64 -25.81
C PHE A 271 -0.91 -16.68 -26.99
N ARG A 272 -1.83 -16.89 -27.92
CA ARG A 272 -1.79 -16.16 -29.18
C ARG A 272 -2.13 -14.69 -29.05
N HIS A 273 -2.64 -14.28 -27.90
CA HIS A 273 -2.98 -12.86 -27.73
C HIS A 273 -1.85 -12.10 -27.04
N ILE A 274 -0.80 -12.83 -26.65
CA ILE A 274 0.26 -12.26 -25.83
C ILE A 274 1.34 -11.59 -26.67
N ASN A 275 1.49 -10.27 -26.53
CA ASN A 275 2.59 -9.56 -27.16
C ASN A 275 3.78 -9.53 -26.22
N TRP A 276 4.71 -10.47 -26.39
CA TRP A 276 5.73 -10.74 -25.38
C TRP A 276 6.64 -9.58 -25.01
N GLU A 277 7.04 -8.76 -25.98
CA GLU A 277 8.00 -7.71 -25.68
C GLU A 277 7.30 -6.62 -24.89
N GLU A 278 6.00 -6.49 -25.11
CA GLU A 278 5.17 -5.65 -24.27
C GLU A 278 5.04 -6.23 -22.87
N LEU A 279 4.78 -7.53 -22.79
CA LEU A 279 4.55 -8.15 -21.49
C LEU A 279 5.78 -7.95 -20.62
N LEU A 280 6.96 -8.19 -21.19
CA LEU A 280 8.19 -8.13 -20.43
C LEU A 280 8.43 -6.69 -19.97
N ALA A 281 8.03 -5.74 -20.81
CA ALA A 281 8.20 -4.34 -20.48
C ALA A 281 7.26 -3.96 -19.36
N ARG A 282 6.41 -4.90 -18.97
CA ARG A 282 5.27 -4.65 -18.10
C ARG A 282 4.37 -3.55 -18.65
N LYS A 283 4.06 -3.64 -19.93
CA LYS A 283 3.15 -2.70 -20.56
C LYS A 283 1.73 -3.24 -20.62
N VAL A 284 1.56 -4.52 -20.29
CA VAL A 284 0.23 -5.08 -20.31
C VAL A 284 -0.39 -4.91 -18.92
N GLU A 285 -1.64 -4.45 -18.88
CA GLU A 285 -2.36 -4.31 -17.61
C GLU A 285 -2.64 -5.66 -16.97
N PRO A 286 -2.29 -5.79 -15.70
CA PRO A 286 -2.64 -7.00 -14.95
C PRO A 286 -4.15 -7.21 -14.92
N PRO A 287 -4.59 -8.48 -14.83
CA PRO A 287 -6.02 -8.76 -14.71
C PRO A 287 -6.68 -8.17 -13.46
N PHE A 288 -5.88 -7.95 -12.40
CA PHE A 288 -6.34 -7.37 -11.13
C PHE A 288 -5.26 -6.45 -10.56
N LYS A 289 -5.63 -5.26 -10.13
CA LYS A 289 -4.69 -4.32 -9.53
C LYS A 289 -4.85 -4.29 -8.02
N PRO A 290 -3.83 -4.69 -7.27
CA PRO A 290 -4.02 -4.42 -5.84
C PRO A 290 -4.13 -2.92 -5.64
N LEU A 291 -5.17 -2.47 -4.96
CA LEU A 291 -5.23 -1.05 -4.65
C LEU A 291 -4.82 -0.89 -3.20
N LEU A 292 -3.62 -0.39 -3.00
CA LEU A 292 -3.10 -0.19 -1.67
C LEU A 292 -3.22 1.27 -1.30
N GLN A 293 -3.29 1.50 0.00
CA GLN A 293 -3.57 2.82 0.53
C GLN A 293 -2.34 3.48 1.12
N SER A 294 -1.28 2.71 1.33
CA SER A 294 -0.02 3.24 1.84
C SER A 294 1.12 2.39 1.32
N GLU A 295 2.34 2.79 1.62
CA GLU A 295 3.53 2.08 1.13
C GLU A 295 3.62 0.72 1.80
N GLU A 296 3.28 0.65 3.08
CA GLU A 296 3.26 -0.60 3.84
C GLU A 296 1.84 -1.09 4.11
N ASP A 297 0.90 -0.71 3.27
CA ASP A 297 -0.40 -1.36 3.26
C ASP A 297 -0.11 -2.86 3.25
N VAL A 298 -0.77 -3.63 4.12
CA VAL A 298 -0.50 -5.06 4.20
C VAL A 298 -1.74 -5.93 3.93
N SER A 299 -2.73 -5.37 3.25
CA SER A 299 -4.05 -5.97 3.16
C SER A 299 -4.12 -7.19 2.26
N GLN A 300 -3.01 -7.45 1.57
CA GLN A 300 -2.93 -8.47 0.53
C GLN A 300 -2.30 -9.74 1.08
N PHE A 301 -2.09 -9.72 2.40
CA PHE A 301 -1.44 -10.83 3.06
C PHE A 301 -2.44 -11.52 3.96
N ASP A 302 -2.17 -12.80 4.25
CA ASP A 302 -2.98 -13.59 5.17
C ASP A 302 -2.86 -12.98 6.56
N SER A 303 -4.00 -12.74 7.20
CA SER A 303 -4.02 -12.14 8.53
C SER A 303 -3.59 -13.11 9.63
N LYS A 304 -3.60 -14.40 9.32
CA LYS A 304 -3.08 -15.38 10.26
C LYS A 304 -1.71 -14.92 10.69
N PHE A 305 -0.93 -14.43 9.73
CA PHE A 305 0.39 -13.93 10.02
C PHE A 305 0.38 -12.46 10.44
N THR A 306 -0.28 -11.60 9.67
CA THR A 306 -0.13 -10.16 9.90
C THR A 306 -0.58 -9.64 11.28
N ARG A 307 -1.28 -10.48 12.03
CA ARG A 307 -1.74 -10.10 13.36
C ARG A 307 -0.63 -10.22 14.41
N GLN A 308 0.13 -11.31 14.32
CA GLN A 308 1.18 -11.63 15.29
C GLN A 308 2.08 -10.45 15.58
N PRO A 310 5.34 -8.58 15.83
CA PRO A 310 6.60 -8.69 15.08
C PRO A 310 7.83 -8.72 15.98
N VAL A 311 8.37 -9.91 16.20
CA VAL A 311 9.52 -10.08 17.10
C VAL A 311 10.56 -11.08 16.60
N ASP A 312 11.80 -10.61 16.53
CA ASP A 312 12.92 -11.47 16.16
C ASP A 312 13.43 -12.23 17.39
N PRO A 314 15.47 -14.03 19.97
CA PRO A 314 16.90 -13.91 20.30
C PRO A 314 17.72 -15.06 19.73
N ASN A 324 31.44 -23.93 12.35
CA ASN A 324 31.46 -22.50 12.58
C ASN A 324 30.85 -21.73 11.41
N GLN A 325 31.35 -20.52 11.19
CA GLN A 325 30.85 -19.69 10.12
C GLN A 325 31.39 -20.20 8.78
N VAL A 326 30.48 -20.65 7.95
CA VAL A 326 30.78 -21.01 6.58
C VAL A 326 30.13 -19.94 5.71
N PHE A 327 29.22 -19.18 6.29
CA PHE A 327 28.48 -18.20 5.52
C PHE A 327 29.29 -16.93 5.38
N LEU A 328 30.60 -17.10 5.30
CA LEU A 328 31.50 -15.95 5.22
C LEU A 328 31.24 -15.21 3.93
N GLY A 329 31.10 -13.88 4.02
CA GLY A 329 30.96 -13.08 2.81
C GLY A 329 29.54 -13.04 2.31
N PHE A 330 28.61 -13.38 3.20
CA PHE A 330 27.20 -13.32 2.92
C PHE A 330 26.83 -11.89 2.52
N GLU A 331 27.39 -10.93 3.25
CA GLU A 331 27.13 -9.52 3.07
C GLU A 331 26.86 -9.17 1.61
N TYR A 332 25.86 -8.34 1.40
CA TYR A 332 25.59 -7.87 0.06
C TYR A 332 25.00 -6.46 0.10
N VAL A 333 25.32 -5.68 -0.92
CA VAL A 333 24.61 -4.43 -1.18
C VAL A 333 24.40 -4.21 -2.66
N ALA A 334 23.14 -4.15 -3.06
CA ALA A 334 22.78 -4.01 -4.46
C ALA A 334 23.44 -2.76 -5.00
N PRO A 335 24.03 -2.88 -6.20
CA PRO A 335 24.77 -1.77 -6.80
C PRO A 335 23.85 -0.60 -7.07
N SER A 336 22.56 -0.90 -7.12
CA SER A 336 21.52 0.10 -7.31
C SER A 336 21.54 1.03 -6.11
N VAL A 337 21.18 0.51 -4.94
CA VAL A 337 21.02 1.34 -3.76
C VAL A 337 22.36 1.83 -3.24
N LYS B 4 16.85 17.76 24.58
CA LYS B 4 15.50 17.79 25.22
C LYS B 4 14.71 18.96 24.68
N ILE B 5 13.50 18.68 24.19
CA ILE B 5 12.79 19.69 23.45
C ILE B 5 11.90 20.45 24.40
N ARG B 6 11.85 21.76 24.22
CA ARG B 6 11.12 22.64 25.11
C ARG B 6 10.86 23.96 24.39
N PRO B 7 9.84 24.71 24.83
CA PRO B 7 9.34 25.89 24.14
C PRO B 7 10.44 26.85 23.67
N GLU B 8 11.49 26.96 24.48
CA GLU B 8 12.59 27.84 24.15
C GLU B 8 13.25 27.42 22.84
N CYS B 9 13.30 26.10 22.60
CA CYS B 9 13.95 25.53 21.42
C CYS B 9 13.46 26.10 20.07
N PHE B 10 12.37 26.86 20.09
CA PHE B 10 11.74 27.34 18.87
C PHE B 10 11.47 28.85 18.95
N GLU B 11 11.57 29.55 17.82
CA GLU B 11 11.34 30.99 17.81
C GLU B 11 10.13 31.34 16.95
N LEU B 12 9.22 32.12 17.51
CA LEU B 12 8.00 32.51 16.81
C LEU B 12 8.28 33.52 15.68
N LEU B 13 7.54 33.40 14.59
CA LEU B 13 7.68 34.31 13.47
C LEU B 13 6.33 34.86 13.08
N ARG B 14 5.32 34.01 13.18
CA ARG B 14 4.06 34.30 12.53
C ARG B 14 2.91 33.52 13.16
N VAL B 15 1.72 34.12 13.11
CA VAL B 15 0.50 33.45 13.53
C VAL B 15 -0.15 32.94 12.24
N LEU B 16 -0.39 31.64 12.19
CA LEU B 16 -0.94 31.00 10.99
C LEU B 16 -2.42 30.67 11.14
N GLY B 17 -2.86 30.49 12.39
CA GLY B 17 -4.26 30.19 12.62
C GLY B 17 -4.59 30.10 14.10
N LYS B 18 -5.81 30.46 14.43
CA LYS B 18 -6.27 30.50 15.81
C LYS B 18 -7.39 29.47 15.98
N GLY B 19 -7.49 28.90 17.17
CA GLY B 19 -8.59 28.00 17.46
C GLY B 19 -9.25 28.36 18.78
N GLY B 20 -10.38 27.71 19.08
CA GLY B 20 -11.06 28.00 20.32
C GLY B 20 -10.29 27.48 21.51
N TYR B 21 -9.29 26.65 21.25
CA TYR B 21 -8.50 26.06 22.31
C TYR B 21 -7.01 26.36 22.20
N GLY B 22 -6.63 27.13 21.20
CA GLY B 22 -5.23 27.48 21.07
C GLY B 22 -4.85 28.14 19.76
N LYS B 23 -3.55 28.17 19.48
CA LYS B 23 -3.05 28.79 18.26
C LYS B 23 -2.09 27.89 17.51
N VAL B 24 -1.96 28.18 16.22
CA VAL B 24 -0.93 27.61 15.38
C VAL B 24 0.04 28.72 14.97
N PHE B 25 1.30 28.57 15.38
CA PHE B 25 2.36 29.51 15.02
C PHE B 25 3.28 28.95 13.95
N GLN B 26 3.80 29.83 13.11
CA GLN B 26 4.95 29.49 12.29
C GLN B 26 6.16 29.70 13.15
N VAL B 27 7.09 28.76 13.13
CA VAL B 27 8.21 28.86 14.05
C VAL B 27 9.53 28.42 13.42
N ARG B 28 10.63 29.02 13.88
CA ARG B 28 11.98 28.63 13.47
C ARG B 28 12.70 27.94 14.63
N LYS B 29 13.21 26.74 14.38
CA LYS B 29 14.02 26.07 15.39
C LYS B 29 15.35 26.78 15.49
N VAL B 30 15.75 27.13 16.72
CA VAL B 30 16.93 27.96 16.90
C VAL B 30 18.22 27.22 17.18
N THR B 31 18.13 26.02 17.74
CA THR B 31 19.35 25.29 18.01
C THR B 31 19.23 23.81 17.74
N GLY B 32 20.26 23.07 18.15
CA GLY B 32 20.30 21.64 17.93
C GLY B 32 20.21 21.29 16.47
N ALA B 33 19.69 20.09 16.21
CA ALA B 33 19.42 19.65 14.85
C ALA B 33 18.34 20.50 14.17
N ASN B 34 18.47 20.64 12.86
CA ASN B 34 17.44 21.30 12.06
C ASN B 34 17.36 22.78 12.36
N THR B 35 18.30 23.26 13.16
CA THR B 35 18.45 24.70 13.36
C THR B 35 18.00 25.45 12.10
N GLY B 36 17.30 26.56 12.29
CA GLY B 36 16.94 27.39 11.16
C GLY B 36 15.80 26.80 10.36
N LYS B 37 15.49 25.53 10.59
CA LYS B 37 14.34 24.89 9.95
C LYS B 37 13.01 25.45 10.41
N ILE B 38 12.09 25.65 9.47
CA ILE B 38 10.77 26.17 9.81
C ILE B 38 9.75 25.07 10.10
N PHE B 39 8.96 25.31 11.16
CA PHE B 39 7.91 24.41 11.58
C PHE B 39 6.61 25.15 11.88
N ALA B 40 5.54 24.38 12.06
CA ALA B 40 4.31 24.88 12.67
C ALA B 40 4.24 24.39 14.11
N MET B 41 3.92 25.30 15.03
CA MET B 41 3.70 24.91 16.41
C MET B 41 2.21 25.03 16.68
N LYS B 42 1.60 23.94 17.15
CA LYS B 42 0.22 24.02 17.57
C LYS B 42 0.15 23.98 19.08
N VAL B 43 -0.41 25.02 19.69
CA VAL B 43 -0.37 25.20 21.14
C VAL B 43 -1.75 25.25 21.79
N LEU B 44 -2.00 24.32 22.71
CA LEU B 44 -3.32 24.18 23.35
C LEU B 44 -3.22 24.38 24.85
N LYS B 45 -4.13 25.19 25.41
CA LYS B 45 -4.11 25.39 26.85
C LYS B 45 -4.79 24.27 27.62
N LYS B 46 -4.05 23.69 28.56
CA LYS B 46 -4.52 22.54 29.32
C LYS B 46 -5.84 22.80 30.06
N ALA B 47 -5.93 23.97 30.72
CA ALA B 47 -7.08 24.28 31.55
C ALA B 47 -8.41 24.18 30.80
N MET B 48 -8.46 24.75 29.60
CA MET B 48 -9.63 24.62 28.75
C MET B 48 -9.92 23.17 28.45
N ILE B 49 -8.89 22.44 28.02
CA ILE B 49 -9.07 21.09 27.52
C ILE B 49 -9.72 20.22 28.58
N VAL B 50 -9.20 20.33 29.80
CA VAL B 50 -9.44 19.32 30.81
C VAL B 50 -10.73 19.50 31.60
N ARG B 51 -11.45 20.58 31.30
CA ARG B 51 -12.77 20.77 31.89
C ARG B 51 -13.83 19.92 31.20
N ASN B 52 -13.56 19.50 29.98
CA ASN B 52 -14.45 18.59 29.28
C ASN B 52 -13.76 17.31 28.83
N ALA B 53 -14.09 16.19 29.49
CA ALA B 53 -13.42 14.93 29.25
C ALA B 53 -13.50 14.53 27.79
N LYS B 54 -14.53 15.00 27.11
CA LYS B 54 -14.66 14.68 25.70
C LYS B 54 -13.61 15.44 24.89
N ASP B 55 -13.32 16.67 25.31
CA ASP B 55 -12.24 17.46 24.71
C ASP B 55 -10.89 16.80 24.96
N THR B 56 -10.69 16.36 26.20
CA THR B 56 -9.49 15.64 26.57
C THR B 56 -9.34 14.47 25.62
N ALA B 57 -10.44 13.80 25.36
CA ALA B 57 -10.43 12.63 24.51
C ALA B 57 -9.93 12.96 23.09
N HIS B 58 -10.49 14.00 22.47
CA HIS B 58 -10.15 14.35 21.08
C HIS B 58 -8.70 14.77 20.96
N THR B 59 -8.23 15.46 22.00
CA THR B 59 -6.87 15.98 21.99
C THR B 59 -5.89 14.82 21.99
N LYS B 60 -6.14 13.85 22.86
CA LYS B 60 -5.25 12.71 22.98
C LYS B 60 -5.28 11.92 21.69
N ALA B 61 -6.46 11.84 21.10
CA ALA B 61 -6.67 11.06 19.90
C ALA B 61 -5.79 11.63 18.80
N GLU B 62 -5.85 12.95 18.65
CA GLU B 62 -4.97 13.66 17.74
C GLU B 62 -3.50 13.34 18.06
N ARG B 63 -3.18 13.31 19.34
CA ARG B 63 -1.81 13.07 19.72
C ARG B 63 -1.36 11.69 19.27
N ASN B 64 -2.26 10.72 19.24
CA ASN B 64 -1.87 9.36 18.89
C ASN B 64 -1.95 9.12 17.40
N ILE B 65 -3.06 9.58 16.82
CA ILE B 65 -3.25 9.41 15.41
C ILE B 65 -2.02 9.91 14.68
N LEU B 66 -1.59 11.12 15.02
CA LEU B 66 -0.44 11.75 14.37
C LEU B 66 0.88 11.00 14.55
N GLU B 67 1.05 10.37 15.69
CA GLU B 67 2.23 9.54 15.96
C GLU B 67 2.13 8.23 15.20
N GLU B 68 0.93 7.66 15.13
CA GLU B 68 0.77 6.30 14.65
C GLU B 68 0.40 6.14 13.16
N VAL B 69 0.28 7.27 12.46
CA VAL B 69 0.16 7.21 11.01
C VAL B 69 1.26 8.02 10.36
N LYS B 70 1.84 7.45 9.31
CA LYS B 70 2.97 8.05 8.65
C LYS B 70 2.68 8.08 7.17
N HIS B 71 1.60 8.76 6.81
CA HIS B 71 1.16 8.78 5.43
C HIS B 71 1.69 10.02 4.73
N PRO B 72 2.00 9.91 3.43
CA PRO B 72 2.40 11.02 2.56
C PRO B 72 1.47 12.21 2.64
N PHE B 73 0.18 11.91 2.73
CA PHE B 73 -0.88 12.92 2.62
C PHE B 73 -1.54 13.23 3.97
N ILE B 74 -0.81 13.04 5.07
CA ILE B 74 -1.27 13.44 6.41
C ILE B 74 -0.16 14.20 7.13
N VAL B 75 -0.49 15.33 7.76
CA VAL B 75 0.49 16.11 8.49
C VAL B 75 1.36 15.23 9.41
N ASP B 76 2.68 15.38 9.28
CA ASP B 76 3.59 14.69 10.17
C ASP B 76 3.79 15.52 11.43
N LEU B 77 3.68 14.85 12.57
CA LEU B 77 4.14 15.35 13.85
C LEU B 77 5.63 15.02 14.05
N ILE B 78 6.43 16.06 14.27
CA ILE B 78 7.87 15.93 14.48
C ILE B 78 8.26 15.95 15.95
N TYR B 79 7.80 16.96 16.69
CA TYR B 79 7.99 16.97 18.13
C TYR B 79 6.67 17.24 18.84
N ALA B 80 6.51 16.65 20.02
CA ALA B 80 5.42 17.00 20.92
C ALA B 80 5.97 17.18 22.32
N PHE B 81 5.65 18.28 22.96
CA PHE B 81 6.03 18.53 24.36
C PHE B 81 5.01 19.41 25.07
N GLN B 82 4.98 19.33 26.39
CA GLN B 82 4.05 20.16 27.15
C GLN B 82 4.78 20.97 28.20
N THR B 83 4.11 21.99 28.70
CA THR B 83 4.46 22.65 29.95
C THR B 83 3.33 22.53 30.96
N GLY B 84 3.56 23.06 32.15
CA GLY B 84 2.59 22.91 33.22
C GLY B 84 1.22 23.25 32.71
N GLY B 85 1.15 24.29 31.90
CA GLY B 85 -0.14 24.77 31.47
C GLY B 85 -0.45 24.66 29.99
N LYS B 86 0.37 23.91 29.25
CA LYS B 86 0.22 23.89 27.79
C LYS B 86 0.64 22.61 27.11
N LEU B 87 0.03 22.39 25.94
CA LEU B 87 0.43 21.33 25.03
C LEU B 87 1.01 21.91 23.73
N TYR B 88 2.10 21.31 23.26
CA TYR B 88 2.77 21.78 22.04
C TYR B 88 2.90 20.68 21.02
N LEU B 89 2.38 20.93 19.82
CA LEU B 89 2.61 20.02 18.72
C LEU B 89 3.44 20.71 17.64
N ILE B 90 4.64 20.18 17.39
CA ILE B 90 5.48 20.70 16.33
C ILE B 90 5.22 19.90 15.03
N LEU B 91 4.60 20.58 14.07
CA LEU B 91 4.24 19.95 12.79
C LEU B 91 5.08 20.48 11.63
N GLU B 92 5.10 19.74 10.52
CA GLU B 92 5.79 20.20 9.32
C GLU B 92 5.06 21.45 8.84
N TYR B 93 5.80 22.45 8.37
CA TYR B 93 5.14 23.69 7.96
C TYR B 93 4.48 23.59 6.57
N LEU B 94 3.15 23.54 6.55
CA LEU B 94 2.40 23.36 5.32
C LEU B 94 2.17 24.69 4.60
N SER B 95 3.12 25.04 3.73
CA SER B 95 3.22 26.38 3.17
C SER B 95 2.39 26.56 1.92
N GLY B 96 1.77 25.48 1.46
CA GLY B 96 0.77 25.60 0.42
C GLY B 96 -0.51 26.23 0.94
N GLY B 97 -0.66 26.29 2.25
CA GLY B 97 -1.91 26.80 2.83
C GLY B 97 -3.08 25.85 2.67
N GLU B 98 -4.28 26.31 3.02
CA GLU B 98 -5.49 25.48 2.88
C GLU B 98 -5.95 25.36 1.42
N LEU B 99 -6.58 24.22 1.13
CA LEU B 99 -7.20 23.93 -0.16
C LEU B 99 -8.32 24.92 -0.44
N PHE B 100 -8.99 25.33 0.62
CA PHE B 100 -10.05 26.33 0.57
C PHE B 100 -9.55 27.58 -0.19
N MET B 101 -8.37 28.06 0.19
CA MET B 101 -7.82 29.28 -0.39
C MET B 101 -7.33 29.06 -1.82
N GLN B 102 -6.83 27.86 -2.09
CA GLN B 102 -6.44 27.55 -3.43
C GLN B 102 -7.68 27.69 -4.29
N LEU B 103 -8.79 27.17 -3.80
CA LEU B 103 -10.03 27.16 -4.56
C LEU B 103 -10.59 28.56 -4.69
N GLU B 104 -10.25 29.38 -3.72
CA GLU B 104 -10.72 30.75 -3.73
C GLU B 104 -9.95 31.54 -4.78
N ARG B 105 -8.63 31.36 -4.81
CA ARG B 105 -7.78 32.03 -5.80
C ARG B 105 -8.08 31.63 -7.25
N GLU B 106 -8.31 30.34 -7.48
CA GLU B 106 -8.45 29.83 -8.83
C GLU B 106 -9.86 29.94 -9.40
N GLY B 107 -10.88 30.00 -8.56
CA GLY B 107 -12.22 30.22 -9.06
C GLY B 107 -13.00 28.94 -9.15
N ILE B 108 -12.49 27.98 -9.92
CA ILE B 108 -12.96 26.60 -9.89
C ILE B 108 -11.83 25.73 -10.39
N PHE B 109 -11.92 24.43 -10.18
CA PHE B 109 -10.97 23.47 -10.74
C PHE B 109 -11.47 22.81 -12.03
N MET B 110 -10.56 22.55 -12.97
CA MET B 110 -10.86 21.72 -14.13
C MET B 110 -10.66 20.25 -13.73
N GLU B 111 -11.34 19.34 -14.42
CA GLU B 111 -11.43 17.96 -13.95
C GLU B 111 -10.12 17.22 -13.72
N ASP B 112 -9.09 17.50 -14.52
CA ASP B 112 -7.80 16.85 -14.37
C ASP B 112 -7.12 17.40 -13.12
N THR B 113 -7.60 18.54 -12.66
CA THR B 113 -7.11 19.12 -11.43
C THR B 113 -7.90 18.60 -10.24
N ALA B 114 -9.21 18.64 -10.37
CA ALA B 114 -10.09 18.10 -9.36
C ALA B 114 -9.69 16.64 -9.17
N CYS B 115 -9.25 16.01 -10.25
CA CYS B 115 -8.88 14.61 -10.18
C CYS B 115 -7.66 14.41 -9.29
N PHE B 116 -6.59 15.15 -9.55
CA PHE B 116 -5.35 14.99 -8.80
C PHE B 116 -5.61 15.03 -7.31
N TYR B 117 -6.37 16.03 -6.86
CA TYR B 117 -6.55 16.26 -5.44
C TYR B 117 -7.41 15.18 -4.81
N LEU B 118 -8.56 14.91 -5.41
CA LEU B 118 -9.47 13.87 -4.91
C LEU B 118 -8.78 12.52 -4.82
N ALA B 119 -7.88 12.26 -5.76
CA ALA B 119 -7.21 10.99 -5.78
C ALA B 119 -6.31 10.88 -4.57
N GLU B 120 -5.62 11.97 -4.22
CA GLU B 120 -4.68 11.93 -3.12
C GLU B 120 -5.44 11.83 -1.80
N ILE B 121 -6.56 12.54 -1.73
CA ILE B 121 -7.38 12.58 -0.53
C ILE B 121 -7.89 11.19 -0.25
N SER B 122 -8.35 10.49 -1.28
CA SER B 122 -8.96 9.19 -1.06
C SER B 122 -7.95 8.16 -0.56
N MET B 123 -6.68 8.37 -0.84
CA MET B 123 -5.65 7.48 -0.31
C MET B 123 -5.45 7.76 1.16
N ALA B 124 -5.41 9.03 1.53
CA ALA B 124 -5.38 9.38 2.94
C ALA B 124 -6.55 8.71 3.61
N LEU B 125 -7.72 8.78 3.00
CA LEU B 125 -8.90 8.18 3.61
C LEU B 125 -8.88 6.68 3.54
N GLY B 126 -8.33 6.13 2.45
CA GLY B 126 -8.14 4.70 2.36
C GLY B 126 -7.19 4.19 3.45
N HIS B 127 -6.10 4.91 3.65
CA HIS B 127 -5.24 4.61 4.78
C HIS B 127 -6.00 4.66 6.10
N LEU B 128 -6.67 5.77 6.39
CA LEU B 128 -7.22 6.03 7.73
C LEU B 128 -8.21 5.00 8.18
N HIS B 129 -9.11 4.67 7.26
CA HIS B 129 -10.15 3.71 7.56
C HIS B 129 -9.50 2.40 7.97
N GLN B 130 -8.45 1.99 7.26
CA GLN B 130 -7.71 0.78 7.62
C GLN B 130 -7.25 0.81 9.08
N LYS B 131 -7.08 2.01 9.61
CA LYS B 131 -6.67 2.13 10.99
C LYS B 131 -7.87 2.33 11.91
N GLY B 132 -9.07 2.27 11.33
CA GLY B 132 -10.26 2.39 12.13
C GLY B 132 -10.65 3.83 12.40
N ILE B 133 -10.14 4.74 11.59
CA ILE B 133 -10.34 6.16 11.83
C ILE B 133 -11.29 6.75 10.80
N ILE B 134 -12.10 7.72 11.19
CA ILE B 134 -12.99 8.37 10.26
C ILE B 134 -12.75 9.86 10.34
N TYR B 135 -12.78 10.52 9.19
CA TYR B 135 -12.48 11.94 9.14
C TYR B 135 -13.70 12.82 9.30
N ARG B 136 -14.88 12.24 9.12
CA ARG B 136 -16.13 12.98 9.22
C ARG B 136 -16.31 14.16 8.25
N ASP B 137 -15.39 15.12 8.20
CA ASP B 137 -15.67 16.34 7.46
C ASP B 137 -14.58 16.75 6.46
N LEU B 138 -14.90 16.67 5.18
CA LEU B 138 -13.93 17.00 4.15
C LEU B 138 -14.14 18.38 3.59
N LYS B 139 -14.57 19.31 4.43
CA LYS B 139 -14.62 20.70 3.99
C LYS B 139 -13.20 21.11 3.58
N PRO B 140 -13.08 21.93 2.52
CA PRO B 140 -11.80 22.38 1.96
C PRO B 140 -10.96 23.13 2.98
N GLU B 141 -11.47 23.25 4.19
CA GLU B 141 -10.75 23.94 5.25
C GLU B 141 -9.94 22.99 6.10
N ASN B 142 -10.33 21.72 6.13
CA ASN B 142 -9.58 20.76 6.92
C ASN B 142 -8.61 20.01 6.06
N ILE B 143 -8.29 20.59 4.92
CA ILE B 143 -7.32 20.04 3.98
C ILE B 143 -6.25 21.09 3.72
N MET B 144 -5.01 20.70 3.53
CA MET B 144 -3.99 21.68 3.18
C MET B 144 -3.04 21.17 2.10
N LEU B 145 -2.13 22.04 1.68
CA LEU B 145 -1.17 21.66 0.65
C LEU B 145 0.22 21.90 1.20
N ASN B 146 1.13 20.96 1.04
CA ASN B 146 2.48 21.16 1.56
C ASN B 146 3.26 22.09 0.64
N HIS B 147 4.57 22.19 0.83
CA HIS B 147 5.33 23.17 0.06
C HIS B 147 5.50 22.79 -1.41
N GLN B 148 5.30 21.53 -1.74
CA GLN B 148 5.41 21.06 -3.12
C GLN B 148 4.06 20.92 -3.83
N GLY B 149 2.98 20.99 -3.06
CA GLY B 149 1.65 21.07 -3.63
C GLY B 149 0.77 19.85 -3.45
N HIS B 150 1.09 18.99 -2.50
CA HIS B 150 0.26 17.81 -2.29
C HIS B 150 -0.70 17.98 -1.13
N VAL B 151 -1.77 17.20 -1.16
CA VAL B 151 -2.82 17.39 -0.17
C VAL B 151 -2.30 16.87 1.16
N LYS B 152 -2.72 17.52 2.23
CA LYS B 152 -2.46 17.08 3.59
C LYS B 152 -3.75 17.22 4.41
N LEU B 153 -4.25 16.12 4.94
CA LEU B 153 -5.33 16.14 5.94
C LEU B 153 -4.75 16.57 7.27
N THR B 154 -5.35 17.58 7.89
CA THR B 154 -4.69 18.30 9.00
C THR B 154 -5.47 18.37 10.32
N ASP B 155 -6.65 17.77 10.38
CA ASP B 155 -7.54 18.01 11.51
C ASP B 155 -8.09 16.79 12.21
N PHE B 156 -7.48 16.43 13.32
CA PHE B 156 -7.92 15.29 14.12
C PHE B 156 -8.13 15.73 15.57
N GLY B 157 -8.18 17.06 15.78
CA GLY B 157 -8.13 17.61 17.13
C GLY B 157 -9.46 18.14 17.64
N LEU B 158 -9.50 19.43 17.98
CA LEU B 158 -10.71 20.08 18.48
C LEU B 158 -11.20 21.24 17.59
N CYS B 159 -12.52 21.46 17.58
CA CYS B 159 -13.11 22.74 17.15
C CYS B 159 -14.63 22.62 17.21
N THR B 175 -19.83 24.69 9.61
CA THR B 175 -20.48 24.43 8.32
C THR B 175 -20.78 22.97 7.99
N ILE B 176 -22.04 22.71 7.70
CA ILE B 176 -22.52 21.34 7.51
C ILE B 176 -22.74 20.96 6.05
N GLU B 177 -22.22 21.78 5.13
CA GLU B 177 -22.42 21.58 3.70
C GLU B 177 -21.82 20.31 3.10
N TYR B 178 -20.68 19.86 3.63
CA TYR B 178 -20.02 18.68 3.09
C TYR B 178 -20.25 17.43 3.92
N MET B 179 -21.23 17.47 4.81
CA MET B 179 -21.49 16.36 5.71
C MET B 179 -22.67 15.49 5.26
N ALA B 180 -22.52 14.18 5.41
CA ALA B 180 -23.48 13.18 4.97
C ALA B 180 -24.85 13.31 5.62
N PRO B 181 -25.88 12.69 5.01
CA PRO B 181 -27.23 12.76 5.57
C PRO B 181 -27.37 12.11 6.94
N GLU B 182 -26.67 11.01 7.13
CA GLU B 182 -26.79 10.18 8.34
C GLU B 182 -26.20 10.89 9.55
N ILE B 183 -25.20 11.72 9.32
CA ILE B 183 -24.61 12.47 10.42
C ILE B 183 -25.61 13.54 10.85
N LEU B 184 -26.25 14.16 9.87
CA LEU B 184 -27.17 15.24 10.16
C LEU B 184 -28.43 14.64 10.82
N MET B 185 -28.85 13.48 10.36
CA MET B 185 -29.99 12.78 10.96
C MET B 185 -29.63 12.05 12.26
N ARG B 186 -28.44 12.33 12.79
CA ARG B 186 -28.01 11.77 14.07
C ARG B 186 -28.11 10.26 14.04
N SER B 187 -28.30 9.68 12.86
CA SER B 187 -28.76 8.31 12.78
C SER B 187 -27.62 7.30 12.56
N GLY B 188 -26.56 7.42 13.35
CA GLY B 188 -25.44 6.50 13.22
C GLY B 188 -24.69 6.71 11.92
N HIS B 189 -23.48 6.16 11.81
CA HIS B 189 -22.68 6.40 10.62
C HIS B 189 -21.30 5.75 10.68
N ASN B 190 -20.82 5.25 9.55
CA ASN B 190 -19.52 4.62 9.47
C ASN B 190 -18.63 5.38 8.48
N ARG B 191 -17.61 4.71 7.95
CA ARG B 191 -16.63 5.38 7.12
C ARG B 191 -17.27 5.91 5.85
N ALA B 192 -18.38 5.31 5.44
CA ALA B 192 -19.13 5.77 4.27
C ALA B 192 -19.35 7.28 4.24
N VAL B 193 -19.45 7.91 5.42
CA VAL B 193 -19.68 9.34 5.49
C VAL B 193 -18.54 10.07 4.83
N ASP B 194 -17.37 9.44 4.76
CA ASP B 194 -16.23 10.07 4.14
C ASP B 194 -16.30 10.08 2.64
N TRP B 195 -16.98 9.11 2.06
CA TRP B 195 -17.05 9.08 0.62
C TRP B 195 -18.15 10.03 0.12
N TRP B 196 -19.18 10.21 0.93
CA TRP B 196 -20.18 11.23 0.65
C TRP B 196 -19.47 12.54 0.60
N SER B 197 -18.73 12.79 1.67
CA SER B 197 -18.09 14.06 1.92
C SER B 197 -17.11 14.37 0.82
N LEU B 198 -16.48 13.32 0.30
CA LEU B 198 -15.58 13.46 -0.84
C LEU B 198 -16.35 13.91 -2.09
N GLY B 199 -17.57 13.40 -2.26
CA GLY B 199 -18.42 13.83 -3.36
C GLY B 199 -18.83 15.28 -3.27
N ALA B 200 -19.15 15.75 -2.07
CA ALA B 200 -19.53 17.14 -1.91
C ALA B 200 -18.32 18.07 -2.14
N LEU B 201 -17.12 17.59 -1.82
CA LEU B 201 -15.89 18.33 -2.08
C LEU B 201 -15.66 18.39 -3.58
N MET B 202 -15.81 17.25 -4.23
CA MET B 202 -15.65 17.16 -5.67
C MET B 202 -16.63 18.11 -6.35
N TYR B 203 -17.83 18.22 -5.79
CA TYR B 203 -18.86 18.99 -6.45
C TYR B 203 -18.54 20.48 -6.42
N ASP B 204 -18.04 20.93 -5.28
CA ASP B 204 -17.63 22.32 -5.10
C ASP B 204 -16.39 22.66 -5.90
N MET B 205 -15.49 21.70 -6.04
CA MET B 205 -14.31 21.93 -6.86
C MET B 205 -14.79 22.23 -8.26
N LEU B 206 -15.66 21.39 -8.78
CA LEU B 206 -16.06 21.52 -10.17
C LEU B 206 -17.08 22.63 -10.48
N THR B 207 -17.92 23.03 -9.51
CA THR B 207 -18.98 23.98 -9.85
C THR B 207 -18.89 25.26 -9.05
N GLY B 208 -17.94 25.33 -8.13
CA GLY B 208 -17.75 26.55 -7.39
C GLY B 208 -18.72 26.65 -6.23
N ALA B 209 -19.47 25.58 -6.00
CA ALA B 209 -20.40 25.54 -4.88
C ALA B 209 -20.60 24.13 -4.39
N PRO B 210 -21.02 23.98 -3.13
CA PRO B 210 -21.48 22.70 -2.56
C PRO B 210 -22.80 22.25 -3.19
N PRO B 211 -23.09 20.94 -3.13
CA PRO B 211 -24.22 20.36 -3.86
C PRO B 211 -25.62 20.78 -3.38
N PHE B 212 -25.75 21.08 -2.09
CA PHE B 212 -27.03 21.51 -1.54
C PHE B 212 -26.84 22.73 -0.62
N THR B 213 -27.33 23.89 -1.04
CA THR B 213 -27.18 25.05 -0.18
C THR B 213 -28.43 25.91 -0.20
N GLY B 214 -28.98 26.19 0.98
CA GLY B 214 -30.15 27.05 1.08
C GLY B 214 -29.88 28.34 1.84
N GLU B 215 -30.88 29.20 1.99
CA GLU B 215 -30.65 30.54 2.51
C GLU B 215 -30.21 30.51 3.96
N ASN B 216 -30.15 29.32 4.53
CA ASN B 216 -29.49 29.13 5.82
C ASN B 216 -29.38 27.65 6.20
N ARG B 217 -28.95 27.40 7.44
CA ARG B 217 -28.57 26.06 7.87
C ARG B 217 -29.69 25.04 7.73
N LYS B 218 -30.92 25.43 8.04
CA LYS B 218 -32.02 24.46 7.98
C LYS B 218 -32.28 24.03 6.54
N LYS B 219 -32.60 24.98 5.68
CA LYS B 219 -32.92 24.68 4.29
C LYS B 219 -31.87 23.78 3.64
N THR B 220 -30.60 24.06 3.92
CA THR B 220 -29.50 23.28 3.38
C THR B 220 -29.66 21.83 3.81
N ILE B 221 -29.87 21.66 5.11
CA ILE B 221 -30.06 20.33 5.67
C ILE B 221 -31.24 19.63 5.02
N ASP B 222 -32.28 20.39 4.72
CA ASP B 222 -33.42 19.78 4.09
C ASP B 222 -33.09 19.40 2.66
N LYS B 223 -32.25 20.19 2.02
CA LYS B 223 -31.84 19.92 0.65
C LYS B 223 -30.94 18.70 0.69
N ILE B 224 -30.10 18.66 1.72
CA ILE B 224 -29.15 17.57 1.88
C ILE B 224 -29.88 16.26 2.11
N LEU B 225 -30.97 16.30 2.85
CA LEU B 225 -31.76 15.10 3.11
C LEU B 225 -32.67 14.70 1.96
N LYS B 226 -33.06 15.66 1.12
CA LYS B 226 -34.10 15.40 0.14
C LYS B 226 -33.68 15.63 -1.32
N CYS B 227 -33.59 16.91 -1.69
CA CYS B 227 -33.49 17.34 -3.08
C CYS B 227 -32.47 16.65 -4.01
N LYS B 228 -32.89 16.47 -5.26
CA LYS B 228 -32.00 16.01 -6.32
C LYS B 228 -30.82 16.96 -6.39
N LEU B 229 -29.68 16.46 -6.84
CA LEU B 229 -28.59 17.36 -7.15
C LEU B 229 -28.74 17.75 -8.61
N ASN B 230 -28.37 18.99 -8.92
CA ASN B 230 -28.30 19.40 -10.30
C ASN B 230 -26.94 18.92 -10.81
N LEU B 231 -26.96 18.20 -11.92
CA LEU B 231 -25.72 17.80 -12.57
C LEU B 231 -25.41 18.65 -13.80
N PRO B 232 -24.45 19.57 -13.68
CA PRO B 232 -24.12 20.48 -14.78
C PRO B 232 -23.68 19.71 -16.02
N PRO B 233 -24.28 20.05 -17.18
CA PRO B 233 -24.06 19.29 -18.42
C PRO B 233 -22.62 19.34 -18.91
N TYR B 234 -21.90 20.40 -18.55
CA TYR B 234 -20.51 20.56 -18.97
C TYR B 234 -19.61 19.51 -18.33
N LEU B 235 -20.06 18.97 -17.21
CA LEU B 235 -19.44 17.80 -16.63
C LEU B 235 -19.35 16.65 -17.64
N THR B 236 -18.18 16.02 -17.73
CA THR B 236 -18.04 14.77 -18.45
C THR B 236 -18.91 13.66 -17.83
N GLN B 237 -19.23 12.64 -18.62
CA GLN B 237 -20.04 11.53 -18.15
C GLN B 237 -19.45 10.86 -16.92
N GLU B 238 -18.16 10.59 -16.96
CA GLU B 238 -17.47 9.92 -15.85
C GLU B 238 -17.71 10.66 -14.54
N ALA B 239 -17.54 11.98 -14.58
CA ALA B 239 -17.57 12.80 -13.39
C ALA B 239 -18.97 12.79 -12.81
N ARG B 240 -19.95 12.95 -13.67
CA ARG B 240 -21.35 12.92 -13.25
C ARG B 240 -21.73 11.58 -12.62
N ASP B 241 -21.33 10.48 -13.26
CA ASP B 241 -21.56 9.13 -12.75
C ASP B 241 -20.94 8.97 -11.36
N LEU B 242 -19.67 9.34 -11.23
CA LEU B 242 -18.97 9.28 -9.96
C LEU B 242 -19.70 10.09 -8.87
N LEU B 243 -20.00 11.36 -9.17
CA LEU B 243 -20.71 12.22 -8.22
C LEU B 243 -22.01 11.58 -7.77
N LYS B 244 -22.75 11.03 -8.73
CA LYS B 244 -24.03 10.39 -8.49
C LYS B 244 -23.93 9.16 -7.60
N LYS B 245 -22.82 8.44 -7.74
CA LYS B 245 -22.55 7.26 -6.91
C LYS B 245 -22.03 7.64 -5.51
N LEU B 246 -21.38 8.80 -5.43
CA LEU B 246 -20.83 9.30 -4.17
C LEU B 246 -21.89 9.93 -3.28
N LEU B 247 -22.74 10.74 -3.89
CA LEU B 247 -23.83 11.36 -3.16
C LEU B 247 -25.10 10.51 -3.21
N LYS B 248 -24.99 9.22 -2.89
CA LYS B 248 -26.16 8.40 -2.66
C LYS B 248 -26.55 8.67 -1.23
N ARG B 249 -27.85 8.76 -0.96
CA ARG B 249 -28.30 9.02 0.40
C ARG B 249 -28.25 7.76 1.24
N ASN B 250 -28.67 6.64 0.66
CA ASN B 250 -28.67 5.36 1.36
C ASN B 250 -27.23 4.85 1.46
N ALA B 251 -26.57 5.20 2.55
CA ALA B 251 -25.14 5.01 2.68
C ALA B 251 -24.78 3.59 2.26
N ALA B 252 -25.66 2.65 2.56
CA ALA B 252 -25.43 1.27 2.24
C ALA B 252 -24.93 1.18 0.80
N SER B 253 -25.62 1.85 -0.10
CA SER B 253 -25.37 1.67 -1.52
C SER B 253 -24.31 2.66 -2.04
N ARG B 254 -23.93 3.60 -1.19
CA ARG B 254 -23.02 4.66 -1.61
C ARG B 254 -21.72 4.01 -2.05
N LEU B 255 -21.08 4.57 -3.08
CA LEU B 255 -19.84 3.99 -3.61
C LEU B 255 -18.70 4.11 -2.59
N GLY B 256 -18.05 2.98 -2.29
CA GLY B 256 -17.00 2.98 -1.30
C GLY B 256 -17.47 2.46 0.05
N ALA B 257 -18.77 2.28 0.17
CA ALA B 257 -19.36 1.82 1.42
C ALA B 257 -19.12 0.33 1.53
N GLY B 258 -18.83 -0.29 0.39
CA GLY B 258 -18.56 -1.71 0.36
C GLY B 258 -17.21 -1.97 0.95
N PRO B 259 -16.82 -3.25 1.11
CA PRO B 259 -15.58 -3.65 1.79
C PRO B 259 -14.32 -3.20 1.05
N GLY B 260 -14.46 -2.85 -0.23
CA GLY B 260 -13.32 -2.39 -0.99
C GLY B 260 -12.98 -0.95 -0.65
N ASP B 261 -13.97 -0.23 -0.12
CA ASP B 261 -13.73 1.07 0.45
C ASP B 261 -12.92 1.90 -0.56
N ALA B 262 -11.81 2.51 -0.16
CA ALA B 262 -11.11 3.42 -1.08
C ALA B 262 -10.93 2.81 -2.48
N GLY B 263 -10.79 1.49 -2.58
CA GLY B 263 -10.51 0.90 -3.87
C GLY B 263 -11.69 0.98 -4.82
N GLU B 264 -12.89 0.94 -4.26
CA GLU B 264 -14.09 1.01 -5.08
C GLU B 264 -14.12 2.36 -5.79
N VAL B 265 -13.89 3.41 -5.01
CA VAL B 265 -13.93 4.75 -5.56
C VAL B 265 -12.77 4.95 -6.53
N GLN B 266 -11.61 4.36 -6.22
CA GLN B 266 -10.40 4.56 -7.03
C GLN B 266 -10.44 3.77 -8.33
N ALA B 267 -11.29 2.76 -8.36
CA ALA B 267 -11.41 1.87 -9.50
C ALA B 267 -12.29 2.51 -10.56
N HIS B 268 -12.90 3.63 -10.21
CA HIS B 268 -13.93 4.24 -11.06
C HIS B 268 -13.27 4.85 -12.28
N PRO B 269 -13.99 4.89 -13.40
CA PRO B 269 -13.39 5.41 -14.63
C PRO B 269 -12.91 6.86 -14.52
N PHE B 270 -13.43 7.61 -13.56
CA PHE B 270 -13.03 9.01 -13.42
C PHE B 270 -11.56 9.17 -13.02
N PHE B 271 -11.00 8.14 -12.37
CA PHE B 271 -9.59 8.13 -11.95
C PHE B 271 -8.79 7.19 -12.84
N ARG B 272 -9.29 6.91 -14.04
CA ARG B 272 -8.68 5.90 -14.90
C ARG B 272 -7.32 6.31 -15.44
N HIS B 273 -6.92 7.58 -15.26
CA HIS B 273 -5.57 8.00 -15.64
C HIS B 273 -4.61 8.15 -14.49
N ILE B 274 -5.01 7.68 -13.30
CA ILE B 274 -4.22 7.85 -12.08
C ILE B 274 -3.39 6.59 -11.83
N ASN B 275 -2.09 6.77 -11.59
CA ASN B 275 -1.23 5.65 -11.30
C ASN B 275 -1.02 5.58 -9.79
N TRP B 276 -1.87 4.83 -9.12
CA TRP B 276 -1.98 4.94 -7.67
C TRP B 276 -0.68 4.73 -6.92
N GLU B 277 0.25 3.98 -7.49
CA GLU B 277 1.52 3.75 -6.82
C GLU B 277 2.47 4.93 -7.00
N GLU B 278 2.44 5.54 -8.18
CA GLU B 278 3.32 6.68 -8.47
C GLU B 278 2.76 8.00 -7.95
N LEU B 279 1.46 8.04 -7.69
CA LEU B 279 0.87 9.19 -7.01
C LEU B 279 1.25 9.16 -5.54
N LEU B 280 1.17 7.97 -4.96
CA LEU B 280 1.45 7.78 -3.55
C LEU B 280 2.90 8.18 -3.28
N ALA B 281 3.75 8.00 -4.28
CA ALA B 281 5.13 8.35 -4.11
C ALA B 281 5.39 9.79 -4.50
N ARG B 282 4.35 10.60 -4.59
CA ARG B 282 4.48 11.96 -5.13
C ARG B 282 5.42 12.00 -6.30
N LYS B 283 5.13 11.16 -7.30
CA LYS B 283 5.82 11.23 -8.57
C LYS B 283 5.03 12.05 -9.59
N VAL B 284 3.74 12.21 -9.33
CA VAL B 284 2.88 13.02 -10.18
C VAL B 284 2.99 14.50 -9.85
N GLU B 285 3.13 15.35 -10.86
CA GLU B 285 3.21 16.78 -10.62
C GLU B 285 1.84 17.31 -10.20
N PRO B 286 1.79 18.15 -9.15
CA PRO B 286 0.54 18.82 -8.78
C PRO B 286 0.14 19.79 -9.86
N PRO B 287 -1.17 19.92 -10.10
CA PRO B 287 -1.70 20.89 -11.06
C PRO B 287 -1.28 22.33 -10.76
N PHE B 288 -1.15 22.68 -9.48
CA PHE B 288 -0.58 23.96 -9.09
C PHE B 288 0.51 23.73 -8.05
N LYS B 289 1.63 24.44 -8.21
CA LYS B 289 2.70 24.37 -7.23
C LYS B 289 2.85 25.73 -6.58
N PRO B 290 2.96 25.76 -5.24
CA PRO B 290 3.13 27.03 -4.54
C PRO B 290 4.42 27.70 -4.99
N LEU B 291 4.32 28.94 -5.43
CA LEU B 291 5.51 29.68 -5.83
C LEU B 291 6.13 30.34 -4.60
N LEU B 292 6.80 29.56 -3.77
CA LEU B 292 7.37 30.08 -2.53
C LEU B 292 8.75 30.68 -2.76
N GLN B 293 9.05 31.78 -2.09
CA GLN B 293 10.32 32.46 -2.28
C GLN B 293 11.30 32.24 -1.12
N SER B 294 10.81 31.67 -0.02
CA SER B 294 11.65 31.24 1.10
C SER B 294 10.94 30.13 1.83
N GLU B 295 11.62 29.50 2.78
CA GLU B 295 11.05 28.39 3.53
C GLU B 295 9.89 28.90 4.41
N GLU B 296 10.08 30.10 4.95
CA GLU B 296 9.07 30.73 5.81
C GLU B 296 8.12 31.63 5.04
N ASP B 297 8.11 31.51 3.71
CA ASP B 297 7.18 32.28 2.89
C ASP B 297 5.74 31.90 3.24
N VAL B 298 4.92 32.90 3.55
CA VAL B 298 3.62 32.63 4.14
C VAL B 298 2.54 33.30 3.28
N SER B 299 2.83 33.36 1.98
CA SER B 299 2.00 34.10 1.05
C SER B 299 0.75 33.34 0.64
N GLN B 300 0.67 32.07 1.02
CA GLN B 300 -0.52 31.28 0.73
C GLN B 300 -1.57 31.45 1.80
N PHE B 301 -1.15 31.97 2.94
CA PHE B 301 -2.04 32.06 4.08
C PHE B 301 -2.90 33.30 4.10
N ASP B 302 -3.86 33.32 5.02
CA ASP B 302 -4.77 34.45 5.15
C ASP B 302 -4.14 35.52 6.01
N SER B 303 -4.03 36.72 5.44
CA SER B 303 -3.39 37.84 6.10
C SER B 303 -4.13 38.21 7.37
N LYS B 304 -5.42 37.89 7.44
CA LYS B 304 -6.17 38.10 8.66
C LYS B 304 -5.48 37.36 9.81
N PHE B 305 -4.58 36.45 9.45
CA PHE B 305 -3.82 35.67 10.43
C PHE B 305 -2.35 36.12 10.49
N THR B 306 -1.74 36.32 9.33
CA THR B 306 -0.29 36.51 9.26
C THR B 306 0.15 37.93 9.62
N ARG B 307 -0.82 38.84 9.75
CA ARG B 307 -0.53 40.19 10.23
C ARG B 307 -0.38 40.25 11.76
N GLN B 308 -1.15 39.44 12.49
CA GLN B 308 -1.09 39.44 13.95
C GLN B 308 0.33 39.30 14.51
N PRO B 310 2.98 37.65 16.70
CA PRO B 310 3.13 36.31 17.26
C PRO B 310 3.42 36.33 18.77
N VAL B 311 2.45 35.88 19.57
CA VAL B 311 2.59 35.93 21.01
C VAL B 311 2.05 34.69 21.70
N ASP B 312 2.89 33.99 22.43
CA ASP B 312 2.42 32.91 23.28
C ASP B 312 2.05 33.43 24.67
N PRO B 314 1.41 33.52 28.24
CA PRO B 314 1.68 32.71 29.44
C PRO B 314 0.46 32.68 30.36
N GLU B 321 -3.14 20.89 38.46
CA GLU B 321 -2.35 20.41 39.59
C GLU B 321 -1.46 19.23 39.22
N SER B 322 -0.98 18.52 40.24
CA SER B 322 0.04 17.47 40.04
C SER B 322 -0.53 16.08 39.85
N ALA B 323 -1.73 15.85 40.37
CA ALA B 323 -2.37 14.53 40.29
C ALA B 323 -3.12 14.39 38.97
N ASN B 324 -3.50 15.52 38.39
CA ASN B 324 -4.34 15.49 37.19
C ASN B 324 -3.56 15.61 35.88
N GLN B 325 -2.31 15.17 35.88
CA GLN B 325 -1.57 15.02 34.66
C GLN B 325 -2.01 13.75 33.91
N VAL B 326 -3.04 13.93 33.08
CA VAL B 326 -3.63 12.88 32.26
C VAL B 326 -2.95 12.83 30.91
N PHE B 327 -2.10 13.83 30.68
CA PHE B 327 -1.30 13.96 29.47
C PHE B 327 0.08 13.33 29.67
N LEU B 328 0.15 12.32 30.52
CA LEU B 328 1.36 11.52 30.64
C LEU B 328 1.68 10.82 29.33
N GLY B 329 2.93 10.95 28.89
CA GLY B 329 3.34 10.31 27.66
C GLY B 329 3.14 11.16 26.42
N PHE B 330 2.96 12.46 26.64
CA PHE B 330 2.69 13.37 25.55
C PHE B 330 3.98 13.70 24.76
N GLU B 331 5.12 13.72 25.46
CA GLU B 331 6.41 13.97 24.81
C GLU B 331 6.56 13.06 23.60
N TYR B 332 7.12 13.60 22.52
CA TYR B 332 7.32 12.81 21.31
C TYR B 332 8.43 13.37 20.45
N VAL B 333 9.34 12.48 20.07
CA VAL B 333 10.31 12.78 19.04
C VAL B 333 10.17 11.78 17.87
N ALA B 334 9.80 12.30 16.71
CA ALA B 334 9.75 11.54 15.48
C ALA B 334 11.07 10.79 15.37
N PRO B 335 11.01 9.49 15.06
CA PRO B 335 12.21 8.63 15.06
C PRO B 335 13.23 9.16 14.07
N SER B 336 12.71 9.69 12.97
CA SER B 336 13.55 10.27 11.94
C SER B 336 14.54 11.24 12.59
N VAL B 337 14.05 12.31 13.22
CA VAL B 337 14.92 13.17 14.05
C VAL B 337 15.70 12.34 15.09
#